data_2HRG
#
_entry.id   2HRG
#
_cell.length_a   84.385
_cell.length_b   85.128
_cell.length_c   108.561
_cell.angle_alpha   90.00
_cell.angle_beta   90.00
_cell.angle_gamma   90.00
#
_symmetry.space_group_name_H-M   'P 21 21 21'
#
loop_
_entity.id
_entity.type
_entity.pdbx_description
1 polymer Laccase
2 branched alpha-D-mannopyranose-(1-6)-beta-D-mannopyranose-(1-4)-2-acetamido-2-deoxy-beta-D-glucopyranose-(1-4)-2-acetamido-2-deoxy-beta-D-glucopyranose
3 branched 2-acetamido-2-deoxy-beta-D-glucopyranose-(1-4)-2-acetamido-2-deoxy-beta-D-glucopyranose
4 non-polymer 'CALCIUM ION'
5 non-polymer 'COPPER (II) ION'
6 non-polymer GLYCEROL
7 non-polymer '4-METHYLBENZOIC ACID'
8 water water
#
_entity_poly.entity_id   1
_entity_poly.type   'polypeptide(L)'
_entity_poly.pdbx_seq_one_letter_code
;AIGPVADLTISNGAVSPDGFSRQAILVNDVFPSPLITGNKGDRFQLNVIDNMTNHTMLKSTSIHWHGFFQHGTNWADGPA
FVNQCPISTGHAFLYDFQVPDQAGTFWYHSHLSTQYCDGLRGPIVVYDPQDPHKSLYDVDDDSTVITLADWYHLAAKVGS
PVPTADATLINGLGRSIDTLNADLAVITVTKGKRYRFRLVSLSCDPNHVFSIDGHSLTVIEADSVNLKPQTVDSIQIFAA
QRYSFVLNADQDVGNYWIRALPNSGTRNFDGGVNSAILRYDGAAPVEPTTSQTPSTNPLVESALTTLEGTAAPGSPAPGG
VDLALNMAFGFAGGKFTINGASFTPPTVPVLLQILSGAQSAQDLLPSGSVYSLPANADIEISLPATAAAPGFPHPFHLHG
HTFAVVRSAGSSTYNYENPVYRDVVSTGSPGDNVTIRFRTDNPGPWFLHCHIDFHLEAGFAVVMAEDIPEVAATNPVPQA
WSDLCPTYDALSPDDQ
;
_entity_poly.pdbx_strand_id   A
#
loop_
_chem_comp.id
_chem_comp.type
_chem_comp.name
_chem_comp.formula
4MA non-polymer '4-METHYLBENZOIC ACID' 'C8 H8 O2'
BMA D-saccharide, beta linking beta-D-mannopyranose 'C6 H12 O6'
CA non-polymer 'CALCIUM ION' 'Ca 2'
CU non-polymer 'COPPER (II) ION' 'Cu 2'
GOL non-polymer GLYCEROL 'C3 H8 O3'
MAN D-saccharide, alpha linking alpha-D-mannopyranose 'C6 H12 O6'
NAG D-saccharide, beta linking 2-acetamido-2-deoxy-beta-D-glucopyranose 'C8 H15 N O6'
#
# COMPACT_ATOMS: atom_id res chain seq x y z
N ALA A 1 12.50 -2.46 16.19
CA ALA A 1 11.20 -1.88 15.78
C ALA A 1 10.40 -1.47 17.00
N ILE A 2 9.30 -0.75 16.77
CA ILE A 2 8.38 -0.43 17.84
C ILE A 2 7.08 -1.21 17.64
N GLY A 3 6.24 -1.28 18.67
CA GLY A 3 4.95 -1.94 18.55
C GLY A 3 4.97 -3.32 19.17
N PRO A 4 3.79 -3.97 19.27
CA PRO A 4 2.48 -3.55 18.75
C PRO A 4 1.77 -2.44 19.54
N VAL A 5 2.29 -2.09 20.72
CA VAL A 5 1.73 -0.99 21.50
C VAL A 5 2.75 0.13 21.47
N ALA A 6 2.35 1.29 20.92
CA ALA A 6 3.29 2.40 20.74
C ALA A 6 2.61 3.74 20.49
N ASP A 7 3.29 4.81 20.88
CA ASP A 7 2.93 6.16 20.45
C ASP A 7 3.57 6.45 19.10
N LEU A 8 2.79 7.07 18.23
CA LEU A 8 3.29 7.56 16.95
C LEU A 8 3.04 9.05 16.91
N THR A 9 4.07 9.84 17.19
CA THR A 9 3.95 11.29 17.21
C THR A 9 4.26 11.87 15.83
N ILE A 10 3.29 12.61 15.28
CA ILE A 10 3.41 13.13 13.94
C ILE A 10 3.77 14.60 13.99
N SER A 11 4.81 14.99 13.28
CA SER A 11 5.27 16.37 13.30
C SER A 11 5.83 16.79 11.94
N ASN A 12 6.17 18.08 11.80
CA ASN A 12 6.82 18.57 10.59
C ASN A 12 8.29 18.82 10.87
N GLY A 13 9.12 18.59 9.85
CA GLY A 13 10.55 18.90 9.94
C GLY A 13 11.24 18.77 8.60
N ALA A 14 12.47 19.26 8.50
CA ALA A 14 13.22 19.19 7.27
C ALA A 14 13.92 17.84 7.16
N VAL A 15 13.95 17.31 5.94
CA VAL A 15 14.56 16.02 5.64
C VAL A 15 15.39 16.15 4.36
N SER A 16 16.32 15.24 4.16
CA SER A 16 17.22 15.30 3.00
C SER A 16 17.54 13.91 2.45
N PRO A 17 16.51 13.10 2.13
CA PRO A 17 16.76 11.71 1.79
C PRO A 17 17.50 11.50 0.47
N ASP A 18 17.50 12.50 -0.42
CA ASP A 18 18.27 12.42 -1.66
C ASP A 18 19.35 13.50 -1.77
N GLY A 19 19.77 14.01 -0.62
CA GLY A 19 20.83 15.03 -0.56
C GLY A 19 20.36 16.45 -0.85
N PHE A 20 19.04 16.63 -0.97
CA PHE A 20 18.40 17.93 -1.12
C PHE A 20 17.40 18.04 0.01
N SER A 21 17.31 19.20 0.65
CA SER A 21 16.47 19.29 1.85
C SER A 21 15.15 19.96 1.59
N ARG A 22 14.12 19.46 2.26
CA ARG A 22 12.78 20.03 2.17
C ARG A 22 11.99 19.71 3.43
N GLN A 23 10.99 20.54 3.70
CA GLN A 23 10.05 20.26 4.78
C GLN A 23 9.19 19.06 4.43
N ALA A 24 8.91 18.24 5.44
CA ALA A 24 8.18 16.99 5.26
C ALA A 24 7.52 16.60 6.58
N ILE A 25 7.03 15.36 6.64
CA ILE A 25 6.37 14.84 7.83
C ILE A 25 7.23 13.79 8.52
N LEU A 26 7.43 13.99 9.82
CA LEU A 26 8.21 13.08 10.68
C LEU A 26 7.27 12.24 11.52
N VAL A 27 7.68 11.02 11.81
CA VAL A 27 6.96 10.15 12.73
C VAL A 27 7.96 9.78 13.81
N ASN A 28 7.63 10.08 15.06
CA ASN A 28 8.58 9.89 16.17
C ASN A 28 9.93 10.52 15.86
N ASP A 29 9.87 11.73 15.32
CA ASP A 29 11.02 12.59 15.05
C ASP A 29 11.95 12.09 13.96
N VAL A 30 11.51 11.08 13.20
CA VAL A 30 12.38 10.52 12.17
C VAL A 30 11.74 10.48 10.79
N PHE A 31 12.61 10.54 9.79
CA PHE A 31 12.23 10.22 8.43
C PHE A 31 13.29 9.26 7.89
N PRO A 32 12.87 8.20 7.18
CA PRO A 32 11.49 7.81 6.87
C PRO A 32 10.76 7.24 8.10
N SER A 33 9.44 7.06 8.00
CA SER A 33 8.65 6.66 9.17
C SER A 33 9.11 5.28 9.66
N PRO A 34 9.12 5.07 10.99
CA PRO A 34 9.71 3.85 11.57
C PRO A 34 8.90 2.57 11.34
N LEU A 35 9.63 1.46 11.32
CA LEU A 35 9.03 0.13 11.25
C LEU A 35 8.26 -0.19 12.52
N ILE A 36 7.05 -0.72 12.34
CA ILE A 36 6.24 -1.22 13.44
C ILE A 36 6.11 -2.73 13.28
N THR A 37 6.25 -3.49 14.37
CA THR A 37 6.11 -4.94 14.28
C THR A 37 5.21 -5.51 15.37
N GLY A 38 4.70 -6.71 15.11
CA GLY A 38 3.93 -7.49 16.07
C GLY A 38 4.00 -8.94 15.65
N ASN A 39 3.31 -9.79 16.41
CA ASN A 39 3.15 -11.20 16.06
C ASN A 39 1.70 -11.49 15.70
N LYS A 40 1.49 -12.53 14.92
CA LYS A 40 0.15 -13.01 14.57
C LYS A 40 -0.69 -13.13 15.83
N GLY A 41 -1.88 -12.54 15.81
CA GLY A 41 -2.81 -12.59 16.95
C GLY A 41 -2.75 -11.39 17.89
N ASP A 42 -1.70 -10.60 17.77
CA ASP A 42 -1.50 -9.44 18.66
C ASP A 42 -2.59 -8.39 18.53
N ARG A 43 -2.82 -7.70 19.64
CA ARG A 43 -3.58 -6.46 19.66
C ARG A 43 -2.63 -5.30 19.41
N PHE A 44 -2.95 -4.47 18.42
CA PHE A 44 -2.18 -3.28 18.14
C PHE A 44 -2.87 -2.10 18.78
N GLN A 45 -2.10 -1.31 19.54
CA GLN A 45 -2.62 -0.11 20.16
C GLN A 45 -1.67 1.01 19.80
N LEU A 46 -2.03 1.73 18.74
CA LEU A 46 -1.14 2.73 18.17
C LEU A 46 -1.75 4.08 18.41
N ASN A 47 -1.12 4.82 19.32
CA ASN A 47 -1.63 6.11 19.72
C ASN A 47 -1.03 7.20 18.85
N VAL A 48 -1.85 7.74 17.96
CA VAL A 48 -1.37 8.72 17.00
C VAL A 48 -1.55 10.13 17.56
N ILE A 49 -0.42 10.79 17.81
CA ILE A 49 -0.38 12.10 18.44
C ILE A 49 -0.02 13.11 17.39
N ASP A 50 -0.96 13.97 17.02
CA ASP A 50 -0.77 14.87 15.90
C ASP A 50 -0.26 16.22 16.36
N ASN A 51 1.00 16.50 16.08
CA ASN A 51 1.62 17.79 16.42
C ASN A 51 2.02 18.65 15.20
N MET A 52 1.40 18.39 14.05
CA MET A 52 1.76 19.10 12.83
C MET A 52 1.27 20.54 12.83
N THR A 53 2.07 21.44 12.28
CA THR A 53 1.76 22.87 12.27
C THR A 53 1.71 23.46 10.86
N ASN A 54 1.97 22.63 9.87
CA ASN A 54 2.05 23.11 8.50
C ASN A 54 0.80 22.81 7.68
N HIS A 55 0.03 23.86 7.39
CA HIS A 55 -1.22 23.67 6.66
C HIS A 55 -1.04 23.22 5.21
N THR A 56 0.08 23.59 4.58
CA THR A 56 0.33 23.20 3.19
C THR A 56 0.43 21.67 3.05
N MET A 57 0.94 21.02 4.08
CA MET A 57 1.02 19.55 4.09
C MET A 57 -0.11 18.94 4.94
N LEU A 58 -1.00 19.83 5.39
CA LEU A 58 -2.18 19.53 6.21
C LEU A 58 -1.84 19.27 7.67
N LYS A 59 -2.45 20.07 8.56
CA LYS A 59 -2.20 19.93 9.98
C LYS A 59 -2.89 18.70 10.56
N SER A 60 -4.02 18.31 9.96
CA SER A 60 -4.77 17.15 10.41
C SER A 60 -4.16 15.88 9.82
N THR A 61 -4.57 14.73 10.35
CA THR A 61 -4.10 13.46 9.80
C THR A 61 -5.04 12.31 10.06
N SER A 62 -4.85 11.22 9.33
CA SER A 62 -5.57 9.97 9.59
C SER A 62 -4.68 8.89 9.05
N ILE A 63 -4.56 7.77 9.75
CA ILE A 63 -3.61 6.73 9.32
C ILE A 63 -4.32 5.43 8.97
N HIS A 64 -4.00 4.90 7.79
CA HIS A 64 -4.48 3.60 7.37
C HIS A 64 -3.42 2.52 7.60
N TRP A 65 -3.85 1.36 8.09
CA TRP A 65 -2.99 0.20 8.36
C TRP A 65 -3.24 -0.78 7.21
N HIS A 66 -2.40 -0.63 6.19
CA HIS A 66 -2.69 -1.20 4.88
C HIS A 66 -2.56 -2.72 4.90
N GLY A 67 -3.68 -3.39 4.64
CA GLY A 67 -3.71 -4.84 4.52
C GLY A 67 -4.44 -5.52 5.65
N PHE A 68 -4.66 -4.79 6.76
CA PHE A 68 -5.39 -5.39 7.89
C PHE A 68 -6.88 -5.40 7.63
N PHE A 69 -7.54 -6.52 7.94
CA PHE A 69 -8.98 -6.67 7.67
C PHE A 69 -9.86 -5.76 8.52
N GLN A 70 -9.44 -5.47 9.75
CA GLN A 70 -10.16 -4.57 10.66
C GLN A 70 -11.59 -5.07 10.94
N HIS A 71 -11.75 -6.39 11.05
CA HIS A 71 -13.07 -6.94 11.34
C HIS A 71 -13.56 -6.49 12.70
N GLY A 72 -14.71 -5.81 12.71
CA GLY A 72 -15.27 -5.25 13.95
C GLY A 72 -14.64 -3.94 14.39
N THR A 73 -13.64 -3.48 13.64
CA THR A 73 -12.96 -2.20 13.92
C THR A 73 -12.85 -1.34 12.66
N ASN A 74 -13.94 -1.29 11.88
CA ASN A 74 -13.99 -0.48 10.65
C ASN A 74 -13.63 0.99 10.91
N TRP A 75 -13.95 1.45 12.12
CA TRP A 75 -13.67 2.82 12.55
C TRP A 75 -12.18 3.14 12.62
N ALA A 76 -11.35 2.09 12.65
CA ALA A 76 -9.90 2.23 12.80
C ALA A 76 -9.16 2.13 11.47
N ASP A 77 -9.91 1.98 10.38
CA ASP A 77 -9.27 1.66 9.10
C ASP A 77 -8.48 2.82 8.54
N GLY A 78 -8.89 4.06 8.78
CA GLY A 78 -8.07 5.20 8.38
C GLY A 78 -8.52 6.19 7.32
N PRO A 79 -9.13 5.72 6.22
CA PRO A 79 -9.53 6.71 5.19
C PRO A 79 -10.37 7.90 5.67
N ALA A 80 -9.83 9.11 5.48
CA ALA A 80 -10.53 10.31 5.91
C ALA A 80 -11.83 10.44 5.13
N PHE A 81 -12.91 10.72 5.87
CA PHE A 81 -14.24 10.93 5.30
C PHE A 81 -14.91 9.68 4.76
N VAL A 82 -14.26 8.53 4.98
CA VAL A 82 -14.90 7.23 4.76
C VAL A 82 -15.04 6.53 6.11
N ASN A 83 -13.94 6.39 6.85
CA ASN A 83 -13.95 5.64 8.10
C ASN A 83 -13.80 6.49 9.35
N GLN A 84 -13.36 7.74 9.17
CA GLN A 84 -13.24 8.70 10.26
C GLN A 84 -13.11 10.13 9.75
N CYS A 85 -13.34 11.10 10.63
CA CYS A 85 -12.86 12.45 10.38
C CYS A 85 -11.40 12.46 10.78
N PRO A 86 -10.60 13.36 10.17
CA PRO A 86 -9.19 13.42 10.54
C PRO A 86 -8.98 13.77 12.01
N ILE A 87 -7.87 13.27 12.56
CA ILE A 87 -7.34 13.74 13.83
C ILE A 87 -6.93 15.20 13.65
N SER A 88 -7.26 16.05 14.63
CA SER A 88 -6.90 17.46 14.56
C SER A 88 -5.57 17.72 15.28
N THR A 89 -4.84 18.73 14.82
CA THR A 89 -3.56 19.02 15.45
C THR A 89 -3.76 19.41 16.91
N GLY A 90 -2.83 18.99 17.76
CA GLY A 90 -2.96 19.19 19.20
C GLY A 90 -3.76 18.11 19.91
N HIS A 91 -4.25 17.14 19.15
CA HIS A 91 -5.02 16.02 19.69
C HIS A 91 -4.33 14.70 19.38
N ALA A 92 -4.81 13.65 20.05
CA ALA A 92 -4.33 12.30 19.84
C ALA A 92 -5.52 11.38 19.60
N PHE A 93 -5.26 10.26 18.94
CA PHE A 93 -6.29 9.26 18.69
C PHE A 93 -5.70 7.87 18.69
N LEU A 94 -6.30 6.99 19.50
CA LEU A 94 -5.83 5.62 19.62
C LEU A 94 -6.52 4.67 18.62
N TYR A 95 -5.71 4.12 17.72
CA TYR A 95 -6.14 3.02 16.88
C TYR A 95 -5.88 1.74 17.64
N ASP A 96 -6.95 0.99 17.90
CA ASP A 96 -6.89 -0.19 18.74
C ASP A 96 -7.59 -1.32 18.00
N PHE A 97 -6.82 -2.29 17.53
CA PHE A 97 -7.36 -3.35 16.71
C PHE A 97 -6.57 -4.63 16.87
N GLN A 98 -7.15 -5.73 16.38
CA GLN A 98 -6.48 -7.02 16.48
C GLN A 98 -6.22 -7.59 15.11
N VAL A 99 -5.24 -8.49 15.06
CA VAL A 99 -4.86 -9.17 13.82
C VAL A 99 -4.86 -10.69 14.09
N PRO A 100 -6.07 -11.26 14.32
CA PRO A 100 -6.15 -12.66 14.78
C PRO A 100 -5.70 -13.70 13.75
N ASP A 101 -5.92 -13.38 12.48
CA ASP A 101 -5.91 -14.36 11.40
C ASP A 101 -5.00 -13.93 10.25
N GLN A 102 -4.08 -13.01 10.53
CA GLN A 102 -3.18 -12.51 9.51
C GLN A 102 -1.76 -12.44 10.00
N ALA A 103 -0.83 -12.63 9.06
CA ALA A 103 0.59 -12.40 9.28
C ALA A 103 1.23 -12.06 7.94
N GLY A 104 2.36 -11.37 7.95
CA GLY A 104 3.00 -10.99 6.71
C GLY A 104 3.52 -9.58 6.74
N THR A 105 3.61 -8.98 5.55
CA THR A 105 4.22 -7.69 5.37
C THR A 105 3.12 -6.68 5.03
N PHE A 106 3.07 -5.61 5.82
CA PHE A 106 2.03 -4.58 5.71
C PHE A 106 2.71 -3.20 5.68
N TRP A 107 1.93 -2.14 5.70
CA TRP A 107 2.48 -0.81 5.88
C TRP A 107 1.42 0.13 6.40
N TYR A 108 1.85 1.31 6.85
CA TYR A 108 0.93 2.35 7.29
C TYR A 108 1.23 3.64 6.56
N HIS A 109 0.20 4.45 6.36
CA HIS A 109 0.37 5.69 5.66
C HIS A 109 -0.78 6.62 5.97
N SER A 110 -0.53 7.92 5.90
CA SER A 110 -1.64 8.86 5.96
C SER A 110 -2.67 8.50 4.90
N HIS A 111 -3.93 8.62 5.27
CA HIS A 111 -5.01 8.40 4.30
C HIS A 111 -5.91 9.64 4.26
N LEU A 112 -5.27 10.81 4.32
CA LEU A 112 -5.91 12.11 4.16
C LEU A 112 -5.30 12.81 2.96
N SER A 113 -6.13 13.10 1.96
CA SER A 113 -5.66 13.76 0.73
C SER A 113 -4.41 13.08 0.21
N THR A 114 -3.42 13.87 -0.21
CA THR A 114 -2.15 13.35 -0.75
C THR A 114 -1.04 13.42 0.30
N GLN A 115 -1.44 13.39 1.55
CA GLN A 115 -0.50 13.62 2.64
C GLN A 115 0.60 12.56 2.76
N TYR A 116 0.33 11.31 2.41
CA TYR A 116 1.38 10.31 2.62
C TYR A 116 2.61 10.56 1.75
N CYS A 117 2.39 11.26 0.63
CA CYS A 117 3.49 11.61 -0.25
C CYS A 117 4.48 12.55 0.41
N ASP A 118 4.00 13.35 1.37
CA ASP A 118 4.85 14.28 2.09
C ASP A 118 5.61 13.60 3.25
N GLY A 119 5.46 12.29 3.44
CA GLY A 119 6.43 11.53 4.20
C GLY A 119 5.80 10.65 5.27
N LEU A 120 4.52 10.63 5.51
CA LEU A 120 3.93 9.81 6.56
C LEU A 120 3.60 8.43 5.98
N ARG A 121 4.58 7.54 6.01
CA ARG A 121 4.45 6.20 5.43
C ARG A 121 5.60 5.31 5.90
N GLY A 122 5.27 4.15 6.42
CA GLY A 122 6.29 3.24 6.91
C GLY A 122 5.85 1.79 6.86
N PRO A 123 6.80 0.87 6.99
CA PRO A 123 6.53 -0.55 6.94
C PRO A 123 6.00 -1.13 8.23
N ILE A 124 5.25 -2.23 8.10
CA ILE A 124 4.80 -3.04 9.23
C ILE A 124 5.08 -4.50 8.94
N VAL A 125 5.58 -5.23 9.95
CA VAL A 125 5.72 -6.67 9.80
C VAL A 125 4.98 -7.36 10.95
N VAL A 126 4.14 -8.32 10.59
CA VAL A 126 3.48 -9.18 11.57
C VAL A 126 4.07 -10.58 11.40
N TYR A 127 4.88 -10.98 12.38
CA TYR A 127 5.58 -12.26 12.28
C TYR A 127 4.67 -13.42 12.65
N ASP A 128 4.93 -14.58 12.03
CA ASP A 128 4.19 -15.79 12.33
C ASP A 128 5.17 -16.79 12.95
N PRO A 129 4.97 -17.13 14.23
CA PRO A 129 5.91 -18.04 14.89
C PRO A 129 5.87 -19.44 14.28
N GLN A 130 4.82 -19.74 13.53
CA GLN A 130 4.73 -21.02 12.81
C GLN A 130 4.67 -20.80 11.29
N ASP A 131 5.39 -19.78 10.82
CA ASP A 131 5.43 -19.43 9.41
C ASP A 131 5.80 -20.66 8.60
N PRO A 132 4.94 -21.05 7.64
CA PRO A 132 5.24 -22.25 6.82
C PRO A 132 6.49 -22.11 5.95
N HIS A 133 6.99 -20.89 5.79
CA HIS A 133 8.18 -20.66 4.97
C HIS A 133 9.44 -20.50 5.81
N LYS A 134 9.30 -20.58 7.14
CA LYS A 134 10.39 -20.14 8.03
C LYS A 134 11.70 -20.92 7.92
N SER A 135 11.63 -22.16 7.46
CA SER A 135 12.85 -22.96 7.39
C SER A 135 13.65 -22.74 6.10
N LEU A 136 13.14 -21.87 5.22
CA LEU A 136 13.87 -21.45 4.04
C LEU A 136 14.93 -20.38 4.30
N TYR A 137 14.95 -19.81 5.49
CA TYR A 137 15.87 -18.69 5.75
C TYR A 137 16.39 -18.63 7.18
N ASP A 138 17.48 -17.90 7.35
CA ASP A 138 18.16 -17.75 8.63
C ASP A 138 17.81 -16.42 9.29
N VAL A 139 17.65 -15.37 8.48
CA VAL A 139 17.54 -14.01 8.98
C VAL A 139 16.24 -13.38 8.49
N ASP A 140 15.47 -12.83 9.43
CA ASP A 140 14.24 -12.09 9.12
C ASP A 140 14.04 -11.12 10.28
N ASP A 141 14.50 -9.87 10.10
CA ASP A 141 14.43 -8.88 11.18
C ASP A 141 14.29 -7.46 10.62
N ASP A 142 14.51 -6.44 11.45
CA ASP A 142 14.43 -5.05 10.97
C ASP A 142 15.30 -4.81 9.73
N SER A 143 16.45 -5.49 9.69
CA SER A 143 17.44 -5.23 8.65
C SER A 143 17.07 -5.82 7.28
N THR A 144 16.04 -6.65 7.26
CA THR A 144 15.64 -7.31 6.01
C THR A 144 14.37 -6.72 5.41
N VAL A 145 13.89 -5.63 6.01
CA VAL A 145 12.78 -4.87 5.40
C VAL A 145 13.37 -3.91 4.39
N ILE A 146 12.86 -3.95 3.15
CA ILE A 146 13.33 -3.07 2.09
C ILE A 146 12.14 -2.27 1.61
N THR A 147 12.20 -0.96 1.80
CA THR A 147 11.13 -0.12 1.29
C THR A 147 11.55 0.60 0.02
N LEU A 148 10.57 0.80 -0.87
CA LEU A 148 10.73 1.63 -2.07
C LEU A 148 9.81 2.82 -1.97
N ALA A 149 10.30 4.00 -2.34
CA ALA A 149 9.47 5.20 -2.29
C ALA A 149 9.86 6.21 -3.36
N ASP A 150 8.86 6.91 -3.88
CA ASP A 150 9.09 8.07 -4.72
C ASP A 150 9.31 9.30 -3.85
N TRP A 151 10.18 10.20 -4.31
CA TRP A 151 10.45 11.42 -3.57
C TRP A 151 10.44 12.64 -4.49
N TYR A 152 9.84 13.72 -4.00
CA TYR A 152 9.60 14.93 -4.79
C TYR A 152 10.24 16.12 -4.07
N HIS A 153 10.88 17.00 -4.84
CA HIS A 153 11.51 18.16 -4.22
C HIS A 153 10.50 19.24 -3.81
N LEU A 154 9.34 19.25 -4.46
CA LEU A 154 8.22 20.09 -4.06
C LEU A 154 7.14 19.25 -3.40
N ALA A 155 6.49 19.81 -2.38
CA ALA A 155 5.47 19.07 -1.65
C ALA A 155 4.24 18.78 -2.51
N ALA A 156 3.40 17.87 -2.03
CA ALA A 156 2.26 17.38 -2.80
C ALA A 156 1.34 18.49 -3.28
N LYS A 157 1.11 19.49 -2.43
CA LYS A 157 0.21 20.60 -2.77
C LYS A 157 0.94 21.78 -3.39
N VAL A 158 2.26 21.67 -3.55
CA VAL A 158 3.08 22.79 -4.06
C VAL A 158 3.46 22.59 -5.52
N GLY A 159 3.78 21.36 -5.91
CA GLY A 159 4.14 21.04 -7.28
C GLY A 159 2.93 20.82 -8.17
N SER A 160 3.16 20.17 -9.31
CA SER A 160 2.09 19.82 -10.24
C SER A 160 1.09 18.88 -9.57
N PRO A 161 -0.22 18.96 -9.93
CA PRO A 161 -1.23 18.03 -9.41
C PRO A 161 -0.90 16.56 -9.64
N VAL A 162 -0.27 16.24 -10.77
CA VAL A 162 0.30 14.91 -10.96
C VAL A 162 1.78 15.07 -11.30
N PRO A 163 2.62 15.09 -10.25
CA PRO A 163 4.05 15.36 -10.40
C PRO A 163 4.87 14.14 -10.81
N THR A 164 6.12 14.38 -11.21
CA THR A 164 7.05 13.29 -11.49
C THR A 164 8.17 13.34 -10.45
N ALA A 165 8.59 12.16 -9.99
CA ALA A 165 9.50 12.07 -8.86
C ALA A 165 10.92 12.47 -9.23
N ASP A 166 11.60 13.09 -8.27
CA ASP A 166 12.99 13.47 -8.44
C ASP A 166 13.95 12.36 -8.10
N ALA A 167 13.49 11.42 -7.27
CA ALA A 167 14.32 10.32 -6.81
C ALA A 167 13.49 9.11 -6.41
N THR A 168 14.08 7.94 -6.55
CA THR A 168 13.61 6.72 -5.89
C THR A 168 14.41 6.53 -4.62
N LEU A 169 13.72 6.34 -3.50
CA LEU A 169 14.37 6.04 -2.23
C LEU A 169 14.25 4.56 -1.94
N ILE A 170 15.37 3.96 -1.54
CA ILE A 170 15.40 2.59 -1.06
C ILE A 170 15.83 2.66 0.40
N ASN A 171 14.99 2.13 1.28
CA ASN A 171 15.17 2.33 2.73
C ASN A 171 15.44 3.79 3.07
N GLY A 172 14.75 4.67 2.36
CA GLY A 172 14.77 6.10 2.70
C GLY A 172 15.90 6.89 2.08
N LEU A 173 16.73 6.23 1.26
CA LEU A 173 17.89 6.91 0.64
C LEU A 173 17.98 6.69 -0.85
N GLY A 174 18.39 7.71 -1.58
CA GLY A 174 18.61 7.56 -3.03
C GLY A 174 19.20 8.82 -3.63
N ARG A 175 19.57 8.74 -4.91
CA ARG A 175 20.13 9.90 -5.60
C ARG A 175 19.15 10.48 -6.60
N SER A 176 19.22 11.80 -6.78
CA SER A 176 18.53 12.45 -7.88
C SER A 176 19.59 12.80 -8.92
N ILE A 177 19.16 13.22 -10.11
CA ILE A 177 20.10 13.50 -11.20
C ILE A 177 21.05 14.66 -10.87
N ASP A 178 20.65 15.49 -9.92
CA ASP A 178 21.45 16.63 -9.50
C ASP A 178 22.15 16.40 -8.15
N THR A 179 21.99 15.20 -7.60
CA THR A 179 22.64 14.83 -6.34
C THR A 179 23.30 13.45 -6.45
N LEU A 180 24.22 13.32 -7.40
CA LEU A 180 24.82 12.03 -7.73
C LEU A 180 25.80 11.51 -6.69
N ASN A 181 26.09 12.33 -5.67
CA ASN A 181 26.96 11.91 -4.58
C ASN A 181 26.19 11.67 -3.28
N ALA A 182 24.87 11.71 -3.35
CA ALA A 182 24.03 11.45 -2.18
C ALA A 182 24.26 10.05 -1.60
N ASP A 183 23.95 9.92 -0.32
CA ASP A 183 24.10 8.68 0.41
C ASP A 183 23.22 7.58 -0.20
N LEU A 184 23.72 6.35 -0.20
CA LEU A 184 22.97 5.19 -0.66
C LEU A 184 22.72 4.21 0.47
N ALA A 185 21.58 3.54 0.41
CA ALA A 185 21.29 2.46 1.35
C ALA A 185 22.19 1.26 1.09
N VAL A 186 22.66 0.65 2.17
CA VAL A 186 23.45 -0.57 2.11
C VAL A 186 22.73 -1.67 2.89
N ILE A 187 22.51 -2.79 2.21
CA ILE A 187 21.96 -3.97 2.86
C ILE A 187 23.10 -4.98 2.96
N THR A 188 23.44 -5.40 4.18
CA THR A 188 24.57 -6.30 4.38
C THR A 188 24.09 -7.73 4.58
N VAL A 189 24.80 -8.67 3.94
CA VAL A 189 24.53 -10.10 4.08
C VAL A 189 25.83 -10.84 4.35
N THR A 190 25.73 -12.01 4.96
CA THR A 190 26.88 -12.88 5.19
C THR A 190 26.83 -14.07 4.23
N LYS A 191 27.94 -14.34 3.55
CA LYS A 191 28.00 -15.46 2.62
C LYS A 191 27.61 -16.77 3.30
N GLY A 192 26.73 -17.51 2.66
CA GLY A 192 26.26 -18.78 3.21
C GLY A 192 24.99 -18.69 4.03
N LYS A 193 24.53 -17.47 4.29
CA LYS A 193 23.28 -17.28 5.03
C LYS A 193 22.12 -17.03 4.06
N ARG A 194 20.91 -17.27 4.56
CA ARG A 194 19.69 -17.14 3.75
C ARG A 194 18.78 -16.10 4.41
N TYR A 195 18.21 -15.20 3.60
CA TYR A 195 17.50 -14.04 4.13
C TYR A 195 16.09 -13.96 3.62
N ARG A 196 15.14 -13.62 4.49
CA ARG A 196 13.81 -13.25 4.04
C ARG A 196 13.75 -11.74 3.94
N PHE A 197 13.80 -11.23 2.71
CA PHE A 197 13.65 -9.80 2.49
C PHE A 197 12.19 -9.50 2.26
N ARG A 198 11.72 -8.43 2.90
CA ARG A 198 10.32 -8.02 2.82
C ARG A 198 10.28 -6.68 2.10
N LEU A 199 9.81 -6.73 0.85
CA LEU A 199 9.86 -5.60 -0.08
C LEU A 199 8.52 -4.90 -0.04
N VAL A 200 8.56 -3.63 0.34
CA VAL A 200 7.33 -2.85 0.55
C VAL A 200 7.36 -1.62 -0.34
N SER A 201 6.35 -1.46 -1.19
CA SER A 201 6.23 -0.22 -1.97
C SER A 201 5.42 0.85 -1.23
N LEU A 202 6.13 1.90 -0.81
CA LEU A 202 5.50 3.08 -0.18
C LEU A 202 5.19 4.13 -1.21
N SER A 203 5.14 3.73 -2.49
CA SER A 203 5.03 4.69 -3.58
C SER A 203 3.70 5.43 -3.60
N CYS A 204 3.77 6.71 -3.96
CA CYS A 204 2.57 7.51 -4.24
C CYS A 204 2.11 7.37 -5.68
N ASP A 205 2.97 6.87 -6.56
CA ASP A 205 2.60 6.83 -7.97
C ASP A 205 3.36 5.75 -8.76
N PRO A 206 4.68 5.94 -8.98
CA PRO A 206 5.34 4.99 -9.87
C PRO A 206 5.38 3.56 -9.36
N ASN A 207 5.41 2.62 -10.31
CA ASN A 207 5.76 1.24 -10.02
C ASN A 207 7.24 1.09 -10.29
N HIS A 208 7.85 0.03 -9.76
CA HIS A 208 9.29 -0.16 -9.89
C HIS A 208 9.60 -1.58 -10.29
N VAL A 209 10.57 -1.73 -11.20
CA VAL A 209 11.09 -3.04 -11.53
C VAL A 209 12.31 -3.24 -10.65
N PHE A 210 12.18 -4.17 -9.72
CA PHE A 210 13.18 -4.42 -8.68
C PHE A 210 14.00 -5.64 -9.06
N SER A 211 15.33 -5.54 -8.92
CA SER A 211 16.22 -6.66 -9.18
C SER A 211 17.52 -6.44 -8.41
N ILE A 212 18.28 -7.52 -8.24
CA ILE A 212 19.57 -7.45 -7.57
C ILE A 212 20.57 -8.12 -8.49
N ASP A 213 21.60 -7.37 -8.88
CA ASP A 213 22.62 -7.90 -9.79
C ASP A 213 23.17 -9.21 -9.25
N GLY A 214 23.27 -10.22 -10.12
CA GLY A 214 23.88 -11.50 -9.77
C GLY A 214 23.06 -12.44 -8.90
N HIS A 215 21.86 -12.03 -8.51
CA HIS A 215 21.04 -12.83 -7.60
C HIS A 215 19.63 -13.07 -8.13
N SER A 216 19.13 -14.29 -7.90
CA SER A 216 17.72 -14.59 -8.10
C SER A 216 16.98 -14.49 -6.78
N LEU A 217 15.65 -14.36 -6.86
CA LEU A 217 14.83 -14.06 -5.69
C LEU A 217 13.69 -15.07 -5.64
N THR A 218 13.52 -15.75 -4.51
CA THR A 218 12.44 -16.72 -4.35
C THR A 218 11.25 -16.10 -3.63
N VAL A 219 10.24 -15.72 -4.40
CA VAL A 219 9.07 -15.03 -3.86
C VAL A 219 8.17 -16.00 -3.09
N ILE A 220 7.82 -15.62 -1.86
CA ILE A 220 7.05 -16.48 -0.96
C ILE A 220 5.80 -15.84 -0.38
N GLU A 221 5.63 -14.55 -0.64
CA GLU A 221 4.48 -13.80 -0.10
C GLU A 221 4.15 -12.68 -1.06
N ALA A 222 2.86 -12.44 -1.28
CA ALA A 222 2.38 -11.23 -1.96
C ALA A 222 1.32 -10.57 -1.09
N ASP A 223 1.49 -9.29 -0.78
CA ASP A 223 0.50 -8.52 0.00
C ASP A 223 -0.07 -9.28 1.20
N SER A 224 0.80 -9.81 2.05
CA SER A 224 0.42 -10.50 3.29
C SER A 224 -0.20 -11.88 3.07
N VAL A 225 -0.16 -12.41 1.84
CA VAL A 225 -0.68 -13.74 1.53
C VAL A 225 0.48 -14.69 1.21
N ASN A 226 0.52 -15.83 1.90
CA ASN A 226 1.55 -16.82 1.66
C ASN A 226 1.37 -17.46 0.29
N LEU A 227 2.46 -17.55 -0.46
CA LEU A 227 2.44 -18.14 -1.80
C LEU A 227 3.21 -19.44 -1.84
N LYS A 228 2.89 -20.27 -2.83
CA LYS A 228 3.82 -21.31 -3.23
C LYS A 228 5.06 -20.62 -3.79
N PRO A 229 6.27 -21.09 -3.41
CA PRO A 229 7.47 -20.36 -3.81
C PRO A 229 7.65 -20.25 -5.32
N GLN A 230 8.07 -19.07 -5.78
CA GLN A 230 8.32 -18.82 -7.19
C GLN A 230 9.62 -18.05 -7.34
N THR A 231 10.63 -18.69 -7.93
CA THR A 231 11.90 -18.01 -8.17
C THR A 231 11.80 -17.13 -9.41
N VAL A 232 12.34 -15.91 -9.27
CA VAL A 232 12.29 -14.88 -10.31
C VAL A 232 13.63 -14.14 -10.35
N ASP A 233 13.89 -13.40 -11.42
CA ASP A 233 15.07 -12.53 -11.46
C ASP A 233 14.77 -11.02 -11.47
N SER A 234 13.48 -10.67 -11.47
CA SER A 234 13.05 -9.28 -11.31
C SER A 234 11.60 -9.31 -10.85
N ILE A 235 11.19 -8.24 -10.16
CA ILE A 235 9.81 -8.11 -9.69
C ILE A 235 9.34 -6.72 -10.05
N GLN A 236 8.27 -6.62 -10.84
CA GLN A 236 7.63 -5.34 -11.05
C GLN A 236 6.60 -5.17 -9.94
N ILE A 237 6.87 -4.22 -9.05
CA ILE A 237 6.03 -3.99 -7.87
C ILE A 237 5.30 -2.65 -8.01
N PHE A 238 3.97 -2.70 -7.86
CA PHE A 238 3.14 -1.51 -7.99
C PHE A 238 2.96 -0.82 -6.64
N ALA A 239 2.57 0.44 -6.68
CA ALA A 239 2.35 1.22 -5.47
C ALA A 239 1.49 0.42 -4.49
N ALA A 240 1.98 0.33 -3.24
CA ALA A 240 1.24 -0.27 -2.12
C ALA A 240 1.32 -1.79 -2.00
N GLN A 241 1.91 -2.44 -3.00
CA GLN A 241 2.11 -3.89 -2.95
C GLN A 241 3.27 -4.28 -2.04
N ARG A 242 3.26 -5.52 -1.59
CA ARG A 242 4.42 -6.07 -0.86
C ARG A 242 4.74 -7.46 -1.43
N TYR A 243 6.03 -7.81 -1.39
CA TYR A 243 6.44 -9.19 -1.63
C TYR A 243 7.50 -9.55 -0.60
N SER A 244 7.48 -10.79 -0.13
CA SER A 244 8.65 -11.35 0.56
C SER A 244 9.38 -12.25 -0.43
N PHE A 245 10.70 -12.17 -0.43
CA PHE A 245 11.50 -13.11 -1.21
C PHE A 245 12.66 -13.59 -0.39
N VAL A 246 13.05 -14.85 -0.61
CA VAL A 246 14.24 -15.41 0.02
C VAL A 246 15.43 -15.18 -0.90
N LEU A 247 16.51 -14.66 -0.32
CA LEU A 247 17.75 -14.49 -1.04
C LEU A 247 18.79 -15.38 -0.36
N ASN A 248 19.37 -16.27 -1.15
CA ASN A 248 20.47 -17.09 -0.69
C ASN A 248 21.74 -16.31 -1.01
N ALA A 249 22.48 -15.91 0.02
CA ALA A 249 23.70 -15.13 -0.19
C ALA A 249 24.85 -16.07 -0.51
N ASP A 250 24.84 -16.59 -1.73
CA ASP A 250 25.79 -17.64 -2.13
C ASP A 250 26.72 -17.26 -3.27
N GLN A 251 26.72 -15.98 -3.64
CA GLN A 251 27.62 -15.49 -4.69
C GLN A 251 28.95 -15.11 -4.07
N ASP A 252 29.89 -14.66 -4.92
CA ASP A 252 31.20 -14.24 -4.43
C ASP A 252 31.06 -13.04 -3.50
N VAL A 253 31.87 -12.99 -2.46
CA VAL A 253 31.91 -11.83 -1.56
C VAL A 253 32.23 -10.58 -2.37
N GLY A 254 31.31 -9.61 -2.34
CA GLY A 254 31.47 -8.39 -3.12
C GLY A 254 30.29 -7.46 -2.94
N ASN A 255 30.23 -6.42 -3.80
CA ASN A 255 29.15 -5.45 -3.80
C ASN A 255 28.31 -5.57 -5.07
N TYR A 256 27.00 -5.64 -4.90
CA TYR A 256 26.08 -5.86 -6.03
C TYR A 256 25.01 -4.78 -6.00
N TRP A 257 24.68 -4.23 -7.16
CA TRP A 257 23.65 -3.20 -7.23
C TRP A 257 22.26 -3.77 -6.98
N ILE A 258 21.53 -3.10 -6.10
CA ILE A 258 20.09 -3.31 -5.95
C ILE A 258 19.44 -2.22 -6.80
N ARG A 259 18.51 -2.62 -7.67
CA ARG A 259 17.94 -1.71 -8.66
C ARG A 259 16.43 -1.64 -8.50
N ALA A 260 15.88 -0.44 -8.64
CA ALA A 260 14.44 -0.23 -8.61
C ALA A 260 14.09 0.80 -9.68
N LEU A 261 13.83 0.32 -10.90
CA LEU A 261 13.58 1.19 -12.05
C LEU A 261 12.12 1.65 -12.07
N PRO A 262 11.89 2.97 -11.93
CA PRO A 262 10.51 3.46 -11.94
C PRO A 262 9.93 3.53 -13.34
N ASN A 263 8.62 3.56 -13.44
CA ASN A 263 7.98 3.68 -14.76
C ASN A 263 7.87 5.11 -15.26
N SER A 264 8.25 6.08 -14.43
CA SER A 264 8.29 7.48 -14.82
C SER A 264 9.44 8.15 -14.10
N GLY A 265 9.73 9.41 -14.44
CA GLY A 265 10.87 10.11 -13.89
C GLY A 265 12.15 9.65 -14.55
N THR A 266 13.21 9.50 -13.77
CA THR A 266 14.52 9.11 -14.31
C THR A 266 14.56 7.60 -14.54
N ARG A 267 14.56 7.21 -15.81
CA ARG A 267 14.44 5.79 -16.16
C ARG A 267 15.77 5.18 -16.60
N ASN A 268 16.79 5.43 -15.78
CA ASN A 268 18.10 4.83 -15.96
C ASN A 268 18.75 4.69 -14.60
N PHE A 269 19.97 4.18 -14.57
CA PHE A 269 20.71 4.01 -13.32
C PHE A 269 22.00 4.83 -13.32
N ASP A 270 22.08 5.80 -14.21
CA ASP A 270 23.29 6.61 -14.37
C ASP A 270 23.64 7.33 -13.07
N GLY A 271 24.90 7.16 -12.64
CA GLY A 271 25.38 7.81 -11.42
C GLY A 271 24.85 7.21 -10.14
N GLY A 272 24.18 6.05 -10.25
CA GLY A 272 23.68 5.33 -9.09
C GLY A 272 22.29 5.75 -8.63
N VAL A 273 21.59 6.47 -9.49
CA VAL A 273 20.17 6.77 -9.26
C VAL A 273 19.37 5.46 -9.30
N ASN A 274 18.23 5.44 -8.61
CA ASN A 274 17.34 4.28 -8.57
C ASN A 274 18.03 3.02 -8.06
N SER A 275 18.99 3.22 -7.15
CA SER A 275 19.86 2.13 -6.72
C SER A 275 20.17 2.11 -5.24
N ALA A 276 20.51 0.91 -4.75
CA ALA A 276 21.09 0.71 -3.43
C ALA A 276 22.16 -0.37 -3.56
N ILE A 277 22.77 -0.73 -2.43
CA ILE A 277 23.93 -1.64 -2.46
C ILE A 277 23.68 -2.89 -1.61
N LEU A 278 23.88 -4.05 -2.22
CA LEU A 278 23.95 -5.31 -1.48
C LEU A 278 25.43 -5.59 -1.22
N ARG A 279 25.82 -5.58 0.05
CA ARG A 279 27.20 -5.78 0.42
C ARG A 279 27.37 -7.04 1.26
N TYR A 280 28.24 -7.93 0.78
CA TYR A 280 28.61 -9.12 1.53
C TYR A 280 29.60 -8.74 2.62
N ASP A 281 29.47 -9.36 3.79
CA ASP A 281 30.45 -9.17 4.86
C ASP A 281 31.83 -9.50 4.33
N GLY A 282 32.77 -8.58 4.53
CA GLY A 282 34.15 -8.77 4.07
C GLY A 282 34.47 -8.10 2.75
N ALA A 283 33.44 -7.64 2.05
CA ALA A 283 33.64 -6.90 0.80
C ALA A 283 34.13 -5.49 1.10
N ALA A 284 34.84 -4.89 0.15
CA ALA A 284 35.34 -3.52 0.27
C ALA A 284 34.17 -2.53 0.39
N PRO A 285 34.33 -1.49 1.23
CA PRO A 285 33.25 -0.50 1.42
C PRO A 285 33.14 0.48 0.26
N VAL A 286 32.88 -0.05 -0.93
CA VAL A 286 32.81 0.76 -2.15
C VAL A 286 31.51 0.49 -2.89
N GLU A 287 31.22 1.32 -3.88
CA GLU A 287 30.05 1.12 -4.74
C GLU A 287 30.24 -0.08 -5.66
N PRO A 288 29.14 -0.81 -5.96
CA PRO A 288 29.25 -1.93 -6.88
C PRO A 288 29.65 -1.48 -8.29
N THR A 289 30.26 -2.40 -9.03
CA THR A 289 30.57 -2.19 -10.44
C THR A 289 29.93 -3.29 -11.28
N THR A 290 28.94 -3.97 -10.70
CA THR A 290 28.25 -5.06 -11.36
C THR A 290 27.34 -4.55 -12.48
N SER A 291 27.04 -5.43 -13.43
CA SER A 291 26.17 -5.10 -14.54
C SER A 291 24.85 -5.81 -14.43
N GLN A 292 23.82 -5.17 -14.96
CA GLN A 292 22.51 -5.76 -15.04
C GLN A 292 22.47 -6.63 -16.28
N THR A 293 21.97 -7.86 -16.12
CA THR A 293 21.71 -8.73 -17.26
C THR A 293 20.20 -8.77 -17.51
N PRO A 294 19.78 -9.01 -18.77
CA PRO A 294 18.35 -8.99 -19.07
C PRO A 294 17.57 -9.96 -18.19
N SER A 295 16.41 -9.51 -17.72
CA SER A 295 15.54 -10.35 -16.92
C SER A 295 14.88 -11.37 -17.85
N THR A 296 15.22 -12.64 -17.65
CA THR A 296 14.66 -13.72 -18.46
C THR A 296 13.62 -14.51 -17.66
N ASN A 297 13.47 -14.15 -16.39
CA ASN A 297 12.56 -14.85 -15.49
C ASN A 297 11.80 -13.88 -14.59
N PRO A 298 11.10 -12.89 -15.18
CA PRO A 298 10.40 -11.90 -14.35
C PRO A 298 9.22 -12.51 -13.62
N LEU A 299 8.83 -11.91 -12.51
CA LEU A 299 7.60 -12.30 -11.85
C LEU A 299 6.43 -12.09 -12.80
N VAL A 300 5.56 -13.11 -12.86
CA VAL A 300 4.32 -13.07 -13.65
C VAL A 300 3.18 -13.38 -12.69
N GLU A 301 2.30 -12.39 -12.47
CA GLU A 301 1.27 -12.53 -11.44
C GLU A 301 0.34 -13.72 -11.67
N SER A 302 -0.01 -13.97 -12.93
CA SER A 302 -0.94 -15.07 -13.23
C SER A 302 -0.34 -16.45 -12.94
N ALA A 303 0.98 -16.50 -12.81
CA ALA A 303 1.68 -17.74 -12.48
C ALA A 303 1.80 -17.96 -10.99
N LEU A 304 1.50 -16.92 -10.19
CA LEU A 304 1.53 -17.05 -8.74
C LEU A 304 0.30 -17.78 -8.23
N THR A 305 0.47 -18.52 -7.14
CA THR A 305 -0.65 -19.16 -6.47
C THR A 305 -0.44 -19.14 -4.97
N THR A 306 -1.53 -19.27 -4.20
CA THR A 306 -1.42 -19.25 -2.74
C THR A 306 -0.84 -20.56 -2.26
N LEU A 307 -0.23 -20.50 -1.08
CA LEU A 307 0.37 -21.68 -0.48
C LEU A 307 -0.65 -22.79 -0.29
N GLU A 308 -1.85 -22.43 0.16
CA GLU A 308 -2.91 -23.41 0.40
C GLU A 308 -3.71 -23.79 -0.85
N GLY A 309 -3.46 -23.10 -1.96
CA GLY A 309 -4.14 -23.39 -3.23
C GLY A 309 -5.64 -23.12 -3.16
N THR A 310 -5.99 -22.08 -2.41
CA THR A 310 -7.37 -21.69 -2.17
C THR A 310 -8.10 -21.35 -3.47
N ALA A 311 -9.28 -21.93 -3.65
CA ALA A 311 -10.09 -21.61 -4.82
C ALA A 311 -10.66 -20.20 -4.70
N ALA A 312 -11.01 -19.61 -5.83
CA ALA A 312 -11.76 -18.35 -5.83
C ALA A 312 -13.16 -18.58 -5.26
N PRO A 313 -13.74 -17.56 -4.59
CA PRO A 313 -15.14 -17.65 -4.18
C PRO A 313 -16.06 -17.84 -5.39
N GLY A 314 -17.21 -18.47 -5.18
CA GLY A 314 -18.19 -18.69 -6.24
C GLY A 314 -17.92 -19.90 -7.12
N SER A 315 -18.53 -19.91 -8.30
CA SER A 315 -18.41 -21.01 -9.27
C SER A 315 -17.47 -20.66 -10.44
N PRO A 316 -16.83 -21.67 -11.06
CA PRO A 316 -15.80 -21.44 -12.09
C PRO A 316 -16.28 -21.01 -13.48
N ALA A 317 -17.04 -19.93 -13.54
CA ALA A 317 -17.46 -19.33 -14.80
C ALA A 317 -17.62 -17.83 -14.59
N PRO A 318 -17.46 -17.03 -15.67
CA PRO A 318 -17.70 -15.59 -15.55
C PRO A 318 -19.08 -15.30 -15.00
N GLY A 319 -19.16 -14.44 -13.98
CA GLY A 319 -20.43 -14.09 -13.37
C GLY A 319 -20.97 -15.13 -12.41
N GLY A 320 -20.20 -16.17 -12.16
CA GLY A 320 -20.58 -17.27 -11.25
C GLY A 320 -20.51 -16.89 -9.78
N VAL A 321 -21.23 -15.82 -9.43
CA VAL A 321 -21.20 -15.24 -8.10
C VAL A 321 -22.59 -14.72 -7.75
N ASP A 322 -22.74 -14.23 -6.52
CA ASP A 322 -23.99 -13.61 -6.09
C ASP A 322 -24.20 -12.23 -6.67
N LEU A 323 -23.12 -11.45 -6.78
CA LEU A 323 -23.21 -10.11 -7.35
C LEU A 323 -21.97 -9.81 -8.17
N ALA A 324 -22.17 -9.48 -9.44
CA ALA A 324 -21.07 -9.12 -10.33
C ALA A 324 -21.18 -7.64 -10.67
N LEU A 325 -20.07 -6.93 -10.50
CA LEU A 325 -20.00 -5.51 -10.79
C LEU A 325 -18.90 -5.25 -11.80
N ASN A 326 -19.14 -4.31 -12.71
CA ASN A 326 -18.11 -3.87 -13.64
C ASN A 326 -17.81 -2.40 -13.36
N MET A 327 -16.53 -2.07 -13.29
CA MET A 327 -16.13 -0.69 -13.02
C MET A 327 -15.57 -0.09 -14.30
N ALA A 328 -16.33 0.84 -14.90
CA ALA A 328 -15.92 1.47 -16.15
C ALA A 328 -15.22 2.79 -15.85
N PHE A 329 -13.92 2.84 -16.14
CA PHE A 329 -13.10 4.00 -15.84
C PHE A 329 -13.28 5.10 -16.87
N GLY A 330 -13.17 6.34 -16.43
CA GLY A 330 -13.21 7.49 -17.32
C GLY A 330 -12.55 8.70 -16.70
N PHE A 331 -12.64 9.82 -17.41
CA PHE A 331 -11.97 11.04 -17.02
C PHE A 331 -12.75 12.19 -17.65
N ALA A 332 -13.21 13.13 -16.81
CA ALA A 332 -14.04 14.25 -17.26
C ALA A 332 -13.84 15.44 -16.34
N GLY A 333 -13.58 16.60 -16.95
CA GLY A 333 -13.38 17.84 -16.20
C GLY A 333 -12.24 17.76 -15.21
N GLY A 334 -11.14 17.12 -15.62
CA GLY A 334 -9.93 16.99 -14.81
C GLY A 334 -10.07 15.99 -13.67
N LYS A 335 -11.18 15.26 -13.65
CA LYS A 335 -11.48 14.30 -12.58
C LYS A 335 -11.67 12.89 -13.10
N PHE A 336 -11.18 11.89 -12.36
CA PHE A 336 -11.44 10.49 -12.69
C PHE A 336 -12.88 10.11 -12.38
N THR A 337 -13.42 9.17 -13.16
CA THR A 337 -14.76 8.66 -12.93
C THR A 337 -14.75 7.14 -12.92
N ILE A 338 -15.65 6.57 -12.12
CA ILE A 338 -15.95 5.15 -12.18
C ILE A 338 -17.46 5.05 -12.35
N ASN A 339 -17.87 4.40 -13.44
CA ASN A 339 -19.29 4.33 -13.82
C ASN A 339 -19.96 5.71 -13.79
N GLY A 340 -19.21 6.71 -14.26
CA GLY A 340 -19.73 8.07 -14.41
C GLY A 340 -19.66 8.96 -13.18
N ALA A 341 -19.18 8.41 -12.06
CA ALA A 341 -19.11 9.19 -10.83
C ALA A 341 -17.68 9.41 -10.37
N SER A 342 -17.41 10.62 -9.91
CA SER A 342 -16.10 10.96 -9.35
C SER A 342 -16.24 11.09 -7.86
N PHE A 343 -15.34 10.46 -7.11
CA PHE A 343 -15.41 10.52 -5.66
C PHE A 343 -14.98 11.90 -5.14
N THR A 344 -15.84 12.52 -4.34
CA THR A 344 -15.47 13.72 -3.60
C THR A 344 -15.77 13.41 -2.13
N PRO A 345 -14.83 13.70 -1.22
CA PRO A 345 -15.03 13.39 0.19
C PRO A 345 -16.27 14.06 0.77
N PRO A 346 -17.16 13.28 1.42
CA PRO A 346 -18.33 13.88 2.06
C PRO A 346 -17.95 14.58 3.36
N THR A 347 -18.76 15.55 3.78
CA THR A 347 -18.54 16.26 5.04
C THR A 347 -18.68 15.31 6.23
N VAL A 348 -19.68 14.43 6.15
CA VAL A 348 -19.88 13.39 7.17
C VAL A 348 -19.25 12.10 6.65
N PRO A 349 -18.28 11.52 7.40
CA PRO A 349 -17.66 10.27 6.95
C PRO A 349 -18.68 9.19 6.64
N VAL A 350 -18.45 8.43 5.58
CA VAL A 350 -19.41 7.39 5.18
C VAL A 350 -19.82 6.50 6.36
N LEU A 351 -18.87 6.07 7.18
CA LEU A 351 -19.19 5.25 8.33
C LEU A 351 -20.14 5.98 9.28
N LEU A 352 -19.88 7.25 9.56
CA LEU A 352 -20.76 8.03 10.41
C LEU A 352 -22.14 8.18 9.80
N GLN A 353 -22.20 8.37 8.48
CA GLN A 353 -23.51 8.40 7.79
C GLN A 353 -24.31 7.12 8.06
N ILE A 354 -23.67 5.96 7.95
CA ILE A 354 -24.32 4.67 8.21
C ILE A 354 -24.75 4.59 9.70
N LEU A 355 -23.87 4.97 10.60
CA LEU A 355 -24.16 4.89 12.05
C LEU A 355 -25.24 5.88 12.47
N SER A 356 -25.41 6.94 11.67
CA SER A 356 -26.44 7.95 11.89
C SER A 356 -27.80 7.59 11.30
N GLY A 357 -27.85 6.49 10.53
CA GLY A 357 -29.11 5.99 10.01
C GLY A 357 -29.27 5.82 8.50
N ALA A 358 -28.21 6.06 7.73
CA ALA A 358 -28.28 5.83 6.28
C ALA A 358 -28.47 4.33 6.04
N GLN A 359 -29.44 3.99 5.20
CA GLN A 359 -29.90 2.61 5.07
C GLN A 359 -29.51 1.94 3.77
N SER A 360 -29.13 2.75 2.79
CA SER A 360 -28.86 2.24 1.44
C SER A 360 -27.78 3.07 0.77
N ALA A 361 -27.27 2.56 -0.35
CA ALA A 361 -26.31 3.30 -1.15
C ALA A 361 -26.89 4.62 -1.67
N GLN A 362 -28.18 4.63 -2.01
CA GLN A 362 -28.85 5.86 -2.45
C GLN A 362 -28.91 6.91 -1.35
N ASP A 363 -28.90 6.48 -0.09
CA ASP A 363 -28.89 7.40 1.05
C ASP A 363 -27.49 7.97 1.29
N LEU A 364 -26.48 7.26 0.80
CA LEU A 364 -25.09 7.59 1.15
C LEU A 364 -24.44 8.57 0.19
N LEU A 365 -23.67 9.49 0.78
CA LEU A 365 -22.90 10.48 0.03
C LEU A 365 -21.43 10.09 0.02
N PRO A 366 -20.72 10.36 -1.10
CA PRO A 366 -21.20 11.06 -2.29
C PRO A 366 -22.05 10.18 -3.20
N SER A 367 -23.09 10.77 -3.76
CA SER A 367 -24.03 10.01 -4.59
C SER A 367 -23.36 9.48 -5.85
N GLY A 368 -23.66 8.23 -6.17
CA GLY A 368 -23.13 7.58 -7.36
C GLY A 368 -21.83 6.84 -7.11
N SER A 369 -21.23 7.06 -5.94
CA SER A 369 -19.90 6.47 -5.65
C SER A 369 -19.94 5.31 -4.66
N VAL A 370 -21.13 4.99 -4.15
CA VAL A 370 -21.26 3.97 -3.13
C VAL A 370 -22.07 2.78 -3.63
N TYR A 371 -21.55 1.58 -3.37
CA TYR A 371 -22.18 0.33 -3.79
C TYR A 371 -22.53 -0.50 -2.57
N SER A 372 -23.81 -0.83 -2.43
CA SER A 372 -24.24 -1.68 -1.33
C SER A 372 -23.99 -3.14 -1.69
N LEU A 373 -23.35 -3.87 -0.77
CA LEU A 373 -23.07 -5.29 -0.97
C LEU A 373 -23.83 -6.13 0.04
N PRO A 374 -24.41 -7.26 -0.41
CA PRO A 374 -25.11 -8.14 0.52
C PRO A 374 -24.13 -8.94 1.39
N ALA A 375 -24.59 -9.35 2.58
CA ALA A 375 -23.78 -10.16 3.49
C ALA A 375 -23.61 -11.59 3.01
N ASN A 376 -22.47 -12.19 3.38
CA ASN A 376 -22.18 -13.60 3.12
C ASN A 376 -22.45 -13.99 1.67
N ALA A 377 -21.82 -13.23 0.78
CA ALA A 377 -22.04 -13.37 -0.65
C ALA A 377 -20.71 -13.41 -1.37
N ASP A 378 -20.71 -14.06 -2.52
CA ASP A 378 -19.56 -14.04 -3.41
C ASP A 378 -19.72 -12.86 -4.36
N ILE A 379 -18.68 -12.03 -4.44
CA ILE A 379 -18.69 -10.84 -5.29
C ILE A 379 -17.63 -10.98 -6.37
N GLU A 380 -17.94 -10.57 -7.59
CA GLU A 380 -16.95 -10.47 -8.65
C GLU A 380 -16.92 -9.04 -9.14
N ILE A 381 -15.72 -8.47 -9.26
CA ILE A 381 -15.57 -7.11 -9.81
C ILE A 381 -14.59 -7.15 -10.96
N SER A 382 -15.01 -6.66 -12.12
CA SER A 382 -14.10 -6.51 -13.25
C SER A 382 -13.71 -5.05 -13.39
N LEU A 383 -12.45 -4.80 -13.69
CA LEU A 383 -11.92 -3.44 -13.82
C LEU A 383 -11.13 -3.29 -15.12
N PRO A 384 -11.86 -3.31 -16.27
CA PRO A 384 -11.19 -3.32 -17.57
C PRO A 384 -10.32 -2.09 -17.82
N ALA A 385 -9.09 -2.33 -18.24
CA ALA A 385 -8.13 -1.26 -18.49
C ALA A 385 -8.56 -0.40 -19.66
N THR A 386 -8.31 0.89 -19.54
CA THR A 386 -8.62 1.83 -20.61
C THR A 386 -7.76 3.09 -20.57
N ALA A 387 -7.38 3.57 -21.75
CA ALA A 387 -6.64 4.81 -21.84
C ALA A 387 -7.51 6.02 -21.49
N ALA A 388 -8.82 5.81 -21.43
CA ALA A 388 -9.76 6.85 -21.01
C ALA A 388 -9.55 7.34 -19.56
N ALA A 389 -8.82 6.55 -18.77
CA ALA A 389 -8.37 6.97 -17.45
C ALA A 389 -6.86 7.14 -17.52
N PRO A 390 -6.39 8.38 -17.67
CA PRO A 390 -4.96 8.59 -17.90
C PRO A 390 -4.11 8.14 -16.73
N GLY A 391 -2.87 7.78 -17.02
CA GLY A 391 -1.94 7.39 -15.96
C GLY A 391 -1.96 5.91 -15.65
N PHE A 392 -2.58 5.11 -16.52
CA PHE A 392 -2.56 3.65 -16.43
C PHE A 392 -1.12 3.13 -16.55
N PRO A 393 -0.80 1.94 -15.97
CA PRO A 393 -1.69 1.01 -15.24
C PRO A 393 -2.02 1.46 -13.81
N HIS A 394 -3.29 1.40 -13.48
CA HIS A 394 -3.78 1.80 -12.16
C HIS A 394 -3.82 0.62 -11.19
N PRO A 395 -3.05 0.70 -10.08
CA PRO A 395 -3.09 -0.38 -9.09
C PRO A 395 -4.24 -0.18 -8.11
N PHE A 396 -5.31 -0.97 -8.27
CA PHE A 396 -6.47 -0.84 -7.39
C PHE A 396 -6.32 -1.59 -6.07
N HIS A 397 -6.83 -0.98 -5.02
CA HIS A 397 -6.74 -1.52 -3.67
C HIS A 397 -8.14 -1.61 -3.08
N LEU A 398 -8.47 -2.77 -2.51
CA LEU A 398 -9.71 -2.96 -1.77
C LEU A 398 -9.38 -3.06 -0.29
N HIS A 399 -9.99 -2.17 0.50
CA HIS A 399 -9.86 -2.22 1.95
C HIS A 399 -10.69 -3.38 2.54
N GLY A 400 -10.30 -3.82 3.74
CA GLY A 400 -11.06 -4.81 4.50
C GLY A 400 -11.03 -6.25 4.02
N HIS A 401 -10.28 -6.51 2.95
CA HIS A 401 -10.34 -7.79 2.25
C HIS A 401 -9.06 -8.11 1.51
N THR A 402 -8.78 -9.40 1.41
CA THR A 402 -7.94 -9.91 0.35
C THR A 402 -8.90 -10.42 -0.72
N PHE A 403 -8.47 -10.41 -1.97
CA PHE A 403 -9.32 -10.88 -3.03
C PHE A 403 -8.55 -11.83 -3.91
N ALA A 404 -9.28 -12.75 -4.55
CA ALA A 404 -8.68 -13.62 -5.55
C ALA A 404 -8.56 -12.85 -6.85
N VAL A 405 -7.39 -12.87 -7.46
CA VAL A 405 -7.22 -12.25 -8.77
C VAL A 405 -7.47 -13.36 -9.80
N VAL A 406 -8.72 -13.49 -10.23
CA VAL A 406 -9.04 -14.57 -11.19
C VAL A 406 -8.48 -14.30 -12.59
N ARG A 407 -8.36 -13.03 -12.96
CA ARG A 407 -7.67 -12.66 -14.20
C ARG A 407 -6.73 -11.48 -13.94
N SER A 408 -5.45 -11.70 -14.22
CA SER A 408 -4.40 -10.70 -14.05
C SER A 408 -4.14 -9.88 -15.30
N ALA A 409 -3.44 -8.77 -15.13
CA ALA A 409 -3.04 -7.93 -16.26
C ALA A 409 -2.06 -8.72 -17.12
N GLY A 410 -2.17 -8.58 -18.43
CA GLY A 410 -1.27 -9.22 -19.38
C GLY A 410 -1.59 -10.69 -19.64
N SER A 411 -2.76 -11.12 -19.20
CA SER A 411 -3.18 -12.51 -19.31
C SER A 411 -4.64 -12.57 -19.75
N SER A 412 -4.96 -13.49 -20.65
CA SER A 412 -6.34 -13.64 -21.11
C SER A 412 -7.07 -14.76 -20.37
N THR A 413 -6.37 -15.47 -19.50
CA THR A 413 -6.93 -16.64 -18.84
C THR A 413 -7.63 -16.29 -17.52
N TYR A 414 -8.62 -17.10 -17.16
CA TYR A 414 -9.27 -17.02 -15.86
C TYR A 414 -8.87 -18.23 -15.02
N ASN A 415 -8.56 -17.98 -13.75
CA ASN A 415 -8.21 -19.02 -12.82
C ASN A 415 -9.11 -18.96 -11.60
N TYR A 416 -10.00 -19.96 -11.49
CA TYR A 416 -10.91 -20.08 -10.36
C TYR A 416 -10.42 -21.15 -9.38
N GLU A 417 -9.51 -22.00 -9.85
CA GLU A 417 -9.03 -23.15 -9.08
C GLU A 417 -8.00 -22.79 -8.01
N ASN A 418 -7.01 -21.98 -8.39
CA ASN A 418 -5.93 -21.63 -7.47
C ASN A 418 -5.26 -20.28 -7.80
N PRO A 419 -6.07 -19.21 -7.91
CA PRO A 419 -5.50 -17.92 -8.24
C PRO A 419 -4.73 -17.33 -7.06
N VAL A 420 -3.79 -16.44 -7.36
CA VAL A 420 -3.18 -15.63 -6.30
C VAL A 420 -4.28 -14.83 -5.60
N TYR A 421 -4.12 -14.63 -4.29
CA TYR A 421 -4.94 -13.69 -3.54
C TYR A 421 -3.99 -12.56 -3.15
N ARG A 422 -4.49 -11.33 -3.13
CA ARG A 422 -3.69 -10.19 -2.66
C ARG A 422 -4.62 -9.01 -2.31
N ASP A 423 -4.08 -7.81 -2.07
CA ASP A 423 -4.95 -6.66 -1.77
C ASP A 423 -4.76 -5.45 -2.67
N VAL A 424 -3.69 -5.43 -3.48
CA VAL A 424 -3.50 -4.37 -4.48
C VAL A 424 -3.17 -5.05 -5.81
N VAL A 425 -3.89 -4.70 -6.88
CA VAL A 425 -3.70 -5.37 -8.16
C VAL A 425 -3.60 -4.36 -9.30
N SER A 426 -2.58 -4.50 -10.16
CA SER A 426 -2.54 -3.64 -11.34
C SER A 426 -3.70 -4.01 -12.25
N THR A 427 -4.42 -2.98 -12.70
CA THR A 427 -5.51 -3.20 -13.65
C THR A 427 -4.99 -3.14 -15.09
N GLY A 428 -3.69 -2.92 -15.26
CA GLY A 428 -3.04 -3.14 -16.57
C GLY A 428 -3.30 -2.09 -17.63
N SER A 429 -3.27 -2.54 -18.89
CA SER A 429 -3.31 -1.64 -20.04
C SER A 429 -4.39 -2.09 -21.03
N PRO A 430 -4.80 -1.22 -21.97
CA PRO A 430 -5.92 -1.57 -22.86
C PRO A 430 -5.84 -2.98 -23.45
N GLY A 431 -6.94 -3.71 -23.37
CA GLY A 431 -6.96 -5.12 -23.73
C GLY A 431 -7.11 -6.01 -22.51
N ASP A 432 -6.63 -5.52 -21.36
CA ASP A 432 -6.76 -6.28 -20.11
C ASP A 432 -8.16 -6.19 -19.53
N ASN A 433 -8.52 -7.20 -18.75
CA ASN A 433 -9.76 -7.15 -17.99
C ASN A 433 -9.60 -7.81 -16.63
N VAL A 434 -8.81 -7.13 -15.80
CA VAL A 434 -8.49 -7.65 -14.48
C VAL A 434 -9.76 -7.86 -13.68
N THR A 435 -9.89 -9.04 -13.12
CA THR A 435 -11.13 -9.44 -12.47
C THR A 435 -10.81 -10.06 -11.13
N ILE A 436 -11.52 -9.62 -10.10
CA ILE A 436 -11.26 -10.04 -8.71
C ILE A 436 -12.52 -10.62 -8.07
N ARG A 437 -12.33 -11.49 -7.08
CA ARG A 437 -13.46 -12.02 -6.32
C ARG A 437 -13.17 -12.00 -4.83
N PHE A 438 -14.21 -11.76 -4.05
CA PHE A 438 -14.09 -11.84 -2.59
C PHE A 438 -15.43 -12.21 -1.96
N ARG A 439 -15.38 -12.58 -0.69
CA ARG A 439 -16.56 -12.95 0.11
C ARG A 439 -16.90 -11.82 1.07
N THR A 440 -18.18 -11.47 1.19
CA THR A 440 -18.61 -10.37 2.06
C THR A 440 -18.83 -10.79 3.52
N ASP A 441 -17.72 -11.02 4.21
CA ASP A 441 -17.69 -11.50 5.58
C ASP A 441 -17.28 -10.41 6.58
N ASN A 442 -17.37 -9.15 6.17
CA ASN A 442 -16.77 -8.06 6.93
C ASN A 442 -17.60 -6.77 6.83
N PRO A 443 -18.66 -6.64 7.66
CA PRO A 443 -19.55 -5.48 7.58
C PRO A 443 -18.82 -4.14 7.80
N GLY A 444 -19.11 -3.19 6.93
CA GLY A 444 -18.55 -1.84 7.02
C GLY A 444 -18.38 -1.21 5.65
N PRO A 445 -18.21 0.12 5.60
CA PRO A 445 -17.81 0.76 4.35
C PRO A 445 -16.31 0.60 4.11
N TRP A 446 -15.96 0.10 2.93
CA TRP A 446 -14.55 -0.16 2.58
C TRP A 446 -14.21 0.53 1.26
N PHE A 447 -13.11 1.28 1.27
CA PHE A 447 -12.68 2.01 0.07
C PHE A 447 -12.19 1.03 -0.99
N LEU A 448 -12.50 1.35 -2.25
CA LEU A 448 -11.93 0.66 -3.40
C LEU A 448 -11.44 1.73 -4.36
N HIS A 449 -10.12 1.81 -4.55
CA HIS A 449 -9.56 2.95 -5.27
C HIS A 449 -8.21 2.67 -5.88
N CYS A 450 -7.84 3.51 -6.86
CA CYS A 450 -6.48 3.47 -7.39
C CYS A 450 -5.54 3.98 -6.29
N HIS A 451 -4.44 3.26 -6.10
CA HIS A 451 -3.53 3.64 -5.03
C HIS A 451 -2.47 4.63 -5.50
N ILE A 452 -2.58 5.10 -6.74
CA ILE A 452 -1.78 6.27 -7.14
C ILE A 452 -2.47 7.44 -6.46
N ASP A 453 -1.80 8.02 -5.46
CA ASP A 453 -2.48 8.94 -4.54
C ASP A 453 -3.02 10.17 -5.24
N PHE A 454 -2.32 10.62 -6.28
CA PHE A 454 -2.77 11.76 -7.08
C PHE A 454 -4.04 11.48 -7.85
N HIS A 455 -4.26 10.21 -8.20
CA HIS A 455 -5.51 9.80 -8.87
C HIS A 455 -6.66 9.69 -7.88
N LEU A 456 -6.38 9.18 -6.68
CA LEU A 456 -7.37 9.14 -5.61
C LEU A 456 -7.86 10.57 -5.31
N GLU A 457 -6.91 11.50 -5.22
CA GLU A 457 -7.23 12.91 -4.95
C GLU A 457 -8.14 13.49 -6.05
N ALA A 458 -7.96 13.01 -7.27
CA ALA A 458 -8.75 13.46 -8.43
C ALA A 458 -10.01 12.63 -8.63
N GLY A 459 -10.38 11.86 -7.60
CA GLY A 459 -11.69 11.20 -7.55
C GLY A 459 -11.79 9.73 -7.93
N PHE A 460 -10.65 9.04 -8.08
CA PHE A 460 -10.63 7.69 -8.65
C PHE A 460 -10.90 6.63 -7.57
N ALA A 461 -12.13 6.63 -7.07
CA ALA A 461 -12.51 5.79 -5.94
C ALA A 461 -14.00 5.53 -5.91
N VAL A 462 -14.35 4.39 -5.33
CA VAL A 462 -15.72 4.08 -4.93
C VAL A 462 -15.68 3.51 -3.52
N VAL A 463 -16.84 3.42 -2.88
CA VAL A 463 -16.95 2.82 -1.56
C VAL A 463 -17.84 1.59 -1.65
N MET A 464 -17.35 0.53 -1.08
CA MET A 464 -18.15 -0.69 -0.96
C MET A 464 -18.80 -0.79 0.42
N ALA A 465 -20.10 -0.50 0.46
CA ALA A 465 -20.83 -0.46 1.71
C ALA A 465 -21.34 -1.88 1.99
N GLU A 466 -20.56 -2.61 2.78
CA GLU A 466 -20.76 -4.04 2.96
C GLU A 466 -21.69 -4.32 4.14
N ASP A 467 -22.81 -4.97 3.85
CA ASP A 467 -23.78 -5.40 4.87
C ASP A 467 -24.21 -4.22 5.76
N ILE A 468 -24.75 -3.18 5.12
CA ILE A 468 -25.15 -1.96 5.83
C ILE A 468 -25.96 -2.20 7.14
N PRO A 469 -26.97 -3.09 7.10
CA PRO A 469 -27.78 -3.32 8.32
C PRO A 469 -27.00 -3.80 9.56
N GLU A 470 -25.83 -4.42 9.36
CA GLU A 470 -25.05 -4.98 10.46
C GLU A 470 -23.86 -4.14 10.88
N VAL A 471 -23.66 -2.98 10.24
CA VAL A 471 -22.43 -2.20 10.48
C VAL A 471 -22.33 -1.71 11.92
N ALA A 472 -23.41 -1.11 12.42
CA ALA A 472 -23.41 -0.53 13.75
C ALA A 472 -23.19 -1.58 14.84
N ALA A 473 -23.85 -2.72 14.71
CA ALA A 473 -23.74 -3.81 15.68
C ALA A 473 -22.37 -4.47 15.65
N THR A 474 -21.79 -4.57 14.46
CA THR A 474 -20.53 -5.29 14.27
C THR A 474 -19.31 -4.41 14.60
N ASN A 475 -19.48 -3.10 14.46
CA ASN A 475 -18.39 -2.14 14.67
C ASN A 475 -18.70 -1.12 15.77
N PRO A 476 -18.75 -1.57 17.05
CA PRO A 476 -18.95 -0.58 18.08
C PRO A 476 -17.76 0.38 18.11
N VAL A 477 -18.03 1.68 18.20
CA VAL A 477 -16.97 2.69 18.12
C VAL A 477 -16.59 3.23 19.49
N PRO A 478 -15.30 3.58 19.67
CA PRO A 478 -14.90 4.16 20.93
C PRO A 478 -15.30 5.62 21.02
N GLN A 479 -15.39 6.13 22.25
CA GLN A 479 -15.71 7.52 22.48
C GLN A 479 -14.81 8.48 21.71
N ALA A 480 -13.52 8.18 21.66
CA ALA A 480 -12.57 9.05 20.98
C ALA A 480 -12.89 9.19 19.50
N TRP A 481 -13.39 8.11 18.89
CA TRP A 481 -13.81 8.16 17.48
C TRP A 481 -15.02 9.08 17.30
N SER A 482 -16.00 8.96 18.20
CA SER A 482 -17.18 9.81 18.13
C SER A 482 -16.85 11.30 18.23
N ASP A 483 -15.78 11.62 18.95
CA ASP A 483 -15.36 13.00 19.14
C ASP A 483 -14.52 13.61 18.01
N LEU A 484 -14.04 12.78 17.07
CA LEU A 484 -13.24 13.28 15.95
C LEU A 484 -13.94 14.33 15.08
N CYS A 485 -15.17 14.05 14.64
CA CYS A 485 -15.84 14.98 13.73
C CYS A 485 -16.20 16.34 14.37
N PRO A 486 -16.80 16.36 15.58
CA PRO A 486 -17.05 17.67 16.21
C PRO A 486 -15.77 18.51 16.41
N THR A 487 -14.66 17.86 16.75
CA THR A 487 -13.38 18.56 16.89
C THR A 487 -12.91 19.10 15.54
N TYR A 488 -12.93 18.25 14.51
CA TYR A 488 -12.46 18.64 13.18
C TYR A 488 -13.32 19.72 12.56
N ASP A 489 -14.63 19.58 12.69
CA ASP A 489 -15.55 20.53 12.07
C ASP A 489 -15.53 21.91 12.75
N ALA A 490 -14.96 21.97 13.95
CA ALA A 490 -14.78 23.24 14.68
C ALA A 490 -13.54 24.01 14.23
N LEU A 491 -12.66 23.38 13.45
CA LEU A 491 -11.43 24.03 13.00
C LEU A 491 -11.71 25.07 11.91
N SER A 492 -10.93 26.15 11.93
CA SER A 492 -10.95 27.06 10.79
C SER A 492 -10.22 26.37 9.63
N PRO A 493 -10.57 26.71 8.38
CA PRO A 493 -9.92 26.08 7.23
C PRO A 493 -8.40 26.06 7.29
N ASP A 494 -7.79 27.14 7.80
CA ASP A 494 -6.34 27.26 7.83
C ASP A 494 -5.65 26.40 8.88
N ASP A 495 -6.45 25.80 9.77
CA ASP A 495 -5.93 24.86 10.77
C ASP A 495 -6.19 23.40 10.41
N GLN A 496 -6.74 23.16 9.22
CA GLN A 496 -7.04 21.80 8.75
C GLN A 496 -5.80 21.07 8.22
C GLN A 496 -5.77 21.13 8.20
C1 NAG B . 5.54 23.91 5.08
C2 NAG B . 6.52 25.06 4.94
C3 NAG B . 6.90 25.48 3.54
C4 NAG B . 6.70 24.45 2.42
C5 NAG B . 5.67 23.36 2.65
C6 NAG B . 5.83 22.11 1.80
C7 NAG B . 7.06 26.20 7.08
C8 NAG B . 7.19 27.62 7.56
N2 NAG B . 6.27 26.15 5.87
O3 NAG B . 8.13 26.18 3.60
O4 NAG B . 6.62 24.91 1.07
O5 NAG B . 5.31 23.05 3.98
O6 NAG B . 6.88 21.32 2.30
O7 NAG B . 8.36 25.67 6.86
C1 NAG B . 7.85 25.47 0.66
C2 NAG B . 8.53 24.70 -0.47
C3 NAG B . 9.44 25.51 -1.39
C4 NAG B . 9.21 27.02 -1.48
C5 NAG B . 8.51 27.69 -0.29
C6 NAG B . 7.76 28.99 -0.57
C7 NAG B . 8.20 22.25 -0.30
C8 NAG B . 8.97 20.95 -0.24
N2 NAG B . 9.06 23.40 -0.10
O3 NAG B . 9.75 24.85 -2.60
O4 NAG B . 10.30 27.70 -2.07
O5 NAG B . 7.72 26.88 0.60
O6 NAG B . 7.73 29.60 0.72
O7 NAG B . 7.46 22.33 -1.50
C1 BMA B . 9.76 28.19 -3.21
C2 BMA B . 10.51 29.48 -3.51
C3 BMA B . 10.07 30.10 -4.84
C4 BMA B . 10.10 29.06 -5.96
C5 BMA B . 9.34 27.80 -5.55
C6 BMA B . 9.46 26.69 -6.58
O2 BMA B . 11.88 29.17 -3.56
O3 BMA B . 10.93 31.16 -5.17
O4 BMA B . 9.58 29.63 -7.14
O5 BMA B . 9.87 27.31 -4.33
O6 BMA B . 10.83 26.30 -6.66
C1 MAN B . 11.10 25.44 -7.79
C2 MAN B . 12.61 25.20 -7.89
C3 MAN B . 13.35 26.40 -8.50
C4 MAN B . 12.67 26.91 -9.76
C5 MAN B . 11.17 27.11 -9.51
C6 MAN B . 10.43 27.59 -10.75
O2 MAN B . 12.84 24.05 -8.67
O3 MAN B . 14.70 26.08 -8.77
O4 MAN B . 13.27 28.13 -10.15
O5 MAN B . 10.60 25.90 -9.04
O6 MAN B . 10.27 26.51 -11.65
C1 NAG C . -14.86 -7.58 -18.71
C2 NAG C . -15.58 -6.97 -19.92
C3 NAG C . -17.10 -6.92 -19.84
C4 NAG C . -17.77 -7.77 -18.76
C5 NAG C . -16.97 -8.27 -17.54
C6 NAG C . -17.49 -9.54 -16.86
C7 NAG C . -13.78 -5.75 -21.18
C8 NAG C . -13.75 -4.62 -22.19
N2 NAG C . -15.00 -5.73 -20.40
O3 NAG C . -17.68 -7.01 -21.12
O4 NAG C . -19.09 -7.32 -18.50
O5 NAG C . -15.55 -8.28 -17.67
O6 NAG C . -17.12 -10.71 -17.57
O7 NAG C . -13.57 -7.00 -21.81
C1 NAG C . -19.96 -8.44 -18.76
C2 NAG C . -21.29 -8.30 -18.04
C3 NAG C . -22.52 -9.00 -18.65
C4 NAG C . -22.41 -9.52 -20.11
C5 NAG C . -21.04 -9.56 -20.78
C6 NAG C . -21.10 -9.16 -22.26
C7 NAG C . -20.78 -7.28 -15.79
C8 NAG C . -21.23 -7.43 -14.35
N2 NAG C . -21.14 -8.45 -16.60
O3 NAG C . -23.71 -8.28 -18.43
O4 NAG C . -23.04 -10.79 -20.25
O5 NAG C . -19.92 -8.94 -20.13
O6 NAG C . -21.18 -7.75 -22.40
O7 NAG C . -21.32 -6.09 -16.33
CA CA D . 21.78 -7.46 7.56
CA CA E . -0.30 -14.01 5.59
CA CA F . 27.23 5.95 3.14
CU CU G . -4.49 5.52 -11.01
CU CU H . -2.38 1.68 1.34
CU CU I . -5.66 -0.46 2.48
CU CU J . -7.23 3.37 0.59
C1 GOL K . 16.57 13.23 7.00
O1 GOL K . 15.83 12.42 7.90
C2 GOL K . 17.02 12.46 5.77
O2 GOL K . 15.89 12.09 5.02
C3 GOL K . 17.82 11.21 6.12
O3 GOL K . 18.60 10.85 5.01
C1 GOL L . -9.62 9.63 1.69
O1 GOL L . -8.46 9.18 1.02
C2 GOL L . -9.93 11.06 1.29
O2 GOL L . -9.63 11.25 -0.08
C3 GOL L . -9.14 12.01 2.17
O3 GOL L . -8.95 13.26 1.55
C1 GOL M . 8.97 -22.93 -9.46
O1 GOL M . 7.67 -23.18 -8.99
C2 GOL M . 9.76 -22.15 -8.40
O2 GOL M . 10.68 -21.32 -9.05
C3 GOL M . 10.49 -23.10 -7.46
O3 GOL M . 11.42 -22.38 -6.66
O1 4MA N . -0.96 10.17 -13.89
C7 4MA N . -0.92 10.76 -14.99
O2 4MA N . 0.04 10.58 -15.77
C1 4MA N . -2.04 11.67 -15.40
C2 4MA N . -3.21 11.76 -14.65
C3 4MA N . -4.24 12.61 -15.05
C4 4MA N . -4.09 13.37 -16.21
C8 4MA N . -5.08 14.22 -16.63
C5 4MA N . -2.92 13.29 -16.97
C6 4MA N . -1.90 12.44 -16.56
#